data_9OKJ
#
_entry.id   9OKJ
#
_cell.length_a   1.00
_cell.length_b   1.00
_cell.length_c   1.00
_cell.angle_alpha   90.00
_cell.angle_beta   90.00
_cell.angle_gamma   90.00
#
_symmetry.space_group_name_H-M   'P 1'
#
loop_
_entity.id
_entity.type
_entity.pdbx_description
1 polymer 'Synaptic vesicle glycoprotein 2A'
2 non-polymer (4R)-4-(2-chloro-2,2-difluoroethyl)-1-{[(4R)-2-(methoxymethyl)-6-(trifluoromethyl)imidazo[2,1-b][1,3,4]thiadiazol-5-yl]methyl}pyrrolidin-2-one
#
_entity_poly.entity_id   1
_entity_poly.type   'polypeptide(L)'
_entity_poly.pdbx_seq_one_letter_code
;AQRRKEREELAQQYEAILRECGHGRFQWTLYFVLGLALMADGVEVFVVGFVLPSAEKDMCLSDSNKGMLGLIVYLGMMVG
AFLWGGLADRLGRRQCLLISLSVNSVFAFFSSFVQGYGTFLFCRLLSGVGIGGSIPIVFSYFSEFLAQEKRGEHLSWLCM
FWMIGGVYAAAMAWAIIPHYGWSFQMGSAYQFHSWRVFVLVCAFPSVFAIGALTTQPESPRFFLENGKHDEAWMVLKQVH
DTNMRAKGHPERVFSVTHIKTIHQEDELIEIQSDTGTWYQRWGVRALSLGGQVWGNFLSCFGPEYRRITLMMMGVWFTMS
FSYYGLTVWFPDMIRHLQAVDYASRTKVFPGERVEHVTFNFTLENQIHRGGQYFNDKFIGLRLKSVSFEDSLFEECYFED
VTSSNTFFRNCTFINTVFYNTDLFEYKFVNSRLINSTFLHNKEGCPLDVTGTGEGAYMVYFVSFLGTLAVLPGNIVSALL
MDKIGRLRMLAGSSVMSCVSCFFLSFGNSESAMIALLCLFGGVSIASWNALDVLTVELYPSDKRTTAFGFLNALCKLAAV
LGISIFTSFVGITKAAPILFASAALALGSSLALKLPETRGQVLQ
;
_entity_poly.pdbx_strand_id   A
#
# COMPACT_ATOMS: atom_id res chain seq x y z
N ALA A 1 21.63 -25.21 -8.59
CA ALA A 1 22.94 -25.34 -7.89
C ALA A 1 23.74 -24.04 -7.99
N GLN A 2 24.12 -23.69 -9.22
CA GLN A 2 24.99 -22.55 -9.47
C GLN A 2 24.26 -21.21 -9.31
N ARG A 3 22.93 -21.23 -9.43
CA ARG A 3 22.18 -19.98 -9.52
C ARG A 3 22.34 -19.11 -8.27
N ARG A 4 22.47 -19.73 -7.10
CA ARG A 4 22.64 -18.91 -5.89
C ARG A 4 23.92 -18.09 -5.96
N LYS A 5 25.02 -18.72 -6.40
CA LYS A 5 26.27 -18.00 -6.56
C LYS A 5 26.16 -16.92 -7.61
N GLU A 6 25.53 -17.25 -8.75
CA GLU A 6 25.36 -16.26 -9.81
C GLU A 6 24.56 -15.06 -9.31
N ARG A 7 23.48 -15.30 -8.57
CA ARG A 7 22.64 -14.21 -8.08
C ARG A 7 23.35 -13.38 -7.03
N GLU A 8 24.15 -14.01 -6.17
CA GLU A 8 24.94 -13.24 -5.21
C GLU A 8 25.89 -12.29 -5.93
N GLU A 9 26.58 -12.79 -6.96
CA GLU A 9 27.45 -11.92 -7.74
C GLU A 9 26.67 -10.79 -8.39
N LEU A 10 25.49 -11.10 -8.94
CA LEU A 10 24.66 -10.07 -9.56
C LEU A 10 24.31 -8.97 -8.56
N ALA A 11 23.89 -9.36 -7.36
CA ALA A 11 23.54 -8.36 -6.35
C ALA A 11 24.74 -7.50 -5.99
N GLN A 12 25.91 -8.13 -5.81
CA GLN A 12 27.09 -7.37 -5.41
C GLN A 12 27.48 -6.35 -6.48
N GLN A 13 27.41 -6.73 -7.75
CA GLN A 13 27.75 -5.78 -8.81
C GLN A 13 26.67 -4.71 -8.98
N TYR A 14 25.40 -5.09 -8.82
CA TYR A 14 24.32 -4.13 -8.98
C TYR A 14 24.42 -3.02 -7.95
N GLU A 15 24.81 -3.35 -6.72
CA GLU A 15 24.99 -2.31 -5.71
C GLU A 15 26.06 -1.31 -6.14
N ALA A 16 27.18 -1.80 -6.66
CA ALA A 16 28.24 -0.89 -7.12
C ALA A 16 27.78 -0.04 -8.29
N ILE A 17 27.00 -0.61 -9.21
CA ILE A 17 26.51 0.18 -10.34
C ILE A 17 25.60 1.29 -9.83
N LEU A 18 24.73 0.97 -8.86
CA LEU A 18 23.86 2.01 -8.31
C LEU A 18 24.66 3.08 -7.58
N ARG A 19 25.74 2.69 -6.90
CA ARG A 19 26.62 3.68 -6.29
C ARG A 19 27.25 4.57 -7.37
N GLU A 20 27.55 4.01 -8.53
CA GLU A 20 28.07 4.84 -9.62
C GLU A 20 27.02 5.80 -10.13
N CYS A 21 25.76 5.36 -10.23
CA CYS A 21 24.70 6.23 -10.72
C CYS A 21 24.38 7.32 -9.70
N GLY A 22 24.48 7.02 -8.41
CA GLY A 22 24.21 7.99 -7.38
C GLY A 22 22.72 8.26 -7.20
N HIS A 23 22.44 9.20 -6.30
CA HIS A 23 21.09 9.65 -5.99
C HIS A 23 20.91 11.07 -6.50
N GLY A 24 19.78 11.31 -7.16
CA GLY A 24 19.56 12.62 -7.75
C GLY A 24 18.19 12.81 -8.40
N ARG A 25 18.17 13.53 -9.52
CA ARG A 25 16.90 13.94 -10.10
C ARG A 25 16.05 12.75 -10.54
N PHE A 26 16.68 11.68 -11.01
CA PHE A 26 15.91 10.54 -11.51
C PHE A 26 15.07 9.93 -10.38
N GLN A 27 15.70 9.63 -9.26
CA GLN A 27 14.98 9.05 -8.14
C GLN A 27 13.95 10.02 -7.58
N TRP A 28 14.27 11.31 -7.58
CA TRP A 28 13.29 12.31 -7.14
C TRP A 28 12.05 12.31 -8.02
N THR A 29 12.23 12.17 -9.34
CA THR A 29 11.10 12.12 -10.25
C THR A 29 10.28 10.85 -10.04
N LEU A 30 10.97 9.70 -10.02
CA LEU A 30 10.29 8.43 -9.80
C LEU A 30 9.54 8.43 -8.48
N TYR A 31 10.08 9.13 -7.48
CA TYR A 31 9.44 9.23 -6.18
C TYR A 31 8.02 9.78 -6.30
N PHE A 32 7.88 10.93 -6.97
CA PHE A 32 6.55 11.51 -7.15
C PHE A 32 5.68 10.64 -8.05
N VAL A 33 6.27 10.07 -9.11
CA VAL A 33 5.48 9.30 -10.05
C VAL A 33 4.82 8.12 -9.35
N LEU A 34 5.58 7.42 -8.50
CA LEU A 34 4.99 6.31 -7.72
C LEU A 34 4.18 6.80 -6.52
N GLY A 35 4.48 7.99 -6.01
CA GLY A 35 3.63 8.56 -4.98
C GLY A 35 2.20 8.72 -5.45
N LEU A 36 2.02 9.10 -6.72
CA LEU A 36 0.68 9.15 -7.27
C LEU A 36 -0.01 7.79 -7.21
N ALA A 37 0.74 6.72 -7.51
CA ALA A 37 0.18 5.38 -7.46
C ALA A 37 -0.25 5.01 -6.05
N LEU A 38 0.57 5.37 -5.05
CA LEU A 38 0.18 5.12 -3.66
C LEU A 38 -1.03 5.95 -3.26
N MET A 39 -1.10 7.19 -3.76
CA MET A 39 -2.23 8.07 -3.47
C MET A 39 -3.53 7.47 -4.00
N ALA A 40 -3.48 6.81 -5.15
CA ALA A 40 -4.69 6.18 -5.69
C ALA A 40 -5.22 5.11 -4.73
N ASP A 41 -4.32 4.28 -4.19
CA ASP A 41 -4.73 3.26 -3.22
C ASP A 41 -5.31 3.90 -1.96
N GLY A 42 -4.68 4.98 -1.49
CA GLY A 42 -5.25 5.69 -0.34
C GLY A 42 -6.66 6.19 -0.63
N VAL A 43 -6.88 6.75 -1.81
CA VAL A 43 -8.20 7.26 -2.18
C VAL A 43 -9.22 6.14 -2.16
N GLU A 44 -8.90 5.01 -2.80
CA GLU A 44 -9.85 3.90 -2.84
C GLU A 44 -10.16 3.37 -1.45
N VAL A 45 -9.13 3.24 -0.60
CA VAL A 45 -9.35 2.73 0.74
C VAL A 45 -10.26 3.66 1.52
N PHE A 46 -10.03 4.96 1.42
CA PHE A 46 -10.92 5.90 2.11
C PHE A 46 -12.35 5.78 1.60
N VAL A 47 -12.52 5.71 0.28
CA VAL A 47 -13.87 5.61 -0.28
C VAL A 47 -14.59 4.39 0.26
N VAL A 48 -13.91 3.24 0.30
CA VAL A 48 -14.54 2.03 0.80
C VAL A 48 -14.86 2.17 2.29
N GLY A 49 -13.93 2.74 3.07
CA GLY A 49 -14.07 2.71 4.51
C GLY A 49 -15.02 3.73 5.09
N PHE A 50 -15.14 4.91 4.48
CA PHE A 50 -15.87 5.99 5.14
C PHE A 50 -17.00 6.56 4.30
N VAL A 51 -16.85 6.63 2.98
CA VAL A 51 -17.89 7.20 2.14
C VAL A 51 -19.02 6.19 1.93
N LEU A 52 -18.68 5.02 1.39
CA LEU A 52 -19.70 4.03 1.04
C LEU A 52 -20.52 3.56 2.24
N PRO A 53 -19.95 3.29 3.41
CA PRO A 53 -20.82 2.97 4.57
C PRO A 53 -21.76 4.10 4.93
N SER A 54 -21.44 5.34 4.55
CA SER A 54 -22.35 6.45 4.74
C SER A 54 -23.38 6.55 3.62
N ALA A 55 -22.99 6.19 2.39
CA ALA A 55 -23.92 6.21 1.26
C ALA A 55 -24.90 5.04 1.29
N GLU A 56 -24.60 3.97 2.03
CA GLU A 56 -25.49 2.83 2.10
C GLU A 56 -26.87 3.20 2.62
N LYS A 57 -26.98 4.34 3.32
CA LYS A 57 -28.24 4.76 3.93
C LYS A 57 -29.16 5.50 2.96
N ASP A 58 -28.65 5.98 1.83
CA ASP A 58 -29.48 6.62 0.82
C ASP A 58 -29.73 5.74 -0.40
N MET A 59 -28.75 4.95 -0.83
CA MET A 59 -29.00 3.98 -1.90
C MET A 59 -29.86 2.84 -1.35
N CYS A 60 -30.90 2.50 -2.09
CA CYS A 60 -31.89 1.55 -1.57
C CYS A 60 -31.30 0.14 -1.52
N LEU A 61 -31.34 -0.47 -0.34
CA LEU A 61 -30.82 -1.82 -0.13
C LEU A 61 -31.63 -2.54 0.93
N SER A 62 -31.71 -3.86 0.79
CA SER A 62 -32.23 -4.69 1.86
C SER A 62 -31.28 -4.71 3.05
N ASP A 63 -31.83 -4.89 4.25
CA ASP A 63 -31.03 -4.85 5.46
C ASP A 63 -29.90 -5.87 5.41
N SER A 64 -30.19 -7.07 4.90
CA SER A 64 -29.16 -8.12 4.83
C SER A 64 -28.03 -7.76 3.87
N ASN A 65 -28.29 -6.90 2.89
CA ASN A 65 -27.31 -6.51 1.88
C ASN A 65 -26.53 -5.25 2.25
N LYS A 66 -26.83 -4.63 3.39
CA LYS A 66 -26.26 -3.32 3.70
C LYS A 66 -24.73 -3.34 3.67
N GLY A 67 -24.12 -4.27 4.40
CA GLY A 67 -22.67 -4.34 4.50
C GLY A 67 -21.95 -5.07 3.39
N MET A 68 -22.67 -5.52 2.36
CA MET A 68 -22.08 -6.42 1.37
C MET A 68 -20.97 -5.74 0.57
N LEU A 69 -21.16 -4.48 0.21
CA LEU A 69 -20.32 -3.86 -0.81
C LEU A 69 -18.87 -3.74 -0.36
N GLY A 70 -18.64 -3.28 0.87
CA GLY A 70 -17.27 -3.14 1.35
C GLY A 70 -16.56 -4.48 1.44
N LEU A 71 -17.26 -5.51 1.92
CA LEU A 71 -16.72 -6.86 1.93
C LEU A 71 -16.30 -7.29 0.53
N ILE A 72 -17.18 -7.10 -0.45
CA ILE A 72 -16.88 -7.51 -1.82
C ILE A 72 -15.66 -6.76 -2.35
N VAL A 73 -15.60 -5.45 -2.10
CA VAL A 73 -14.49 -4.65 -2.62
C VAL A 73 -13.17 -5.05 -1.98
N TYR A 74 -13.19 -5.33 -0.68
CA TYR A 74 -11.98 -5.77 -0.01
C TYR A 74 -11.52 -7.14 -0.50
N LEU A 75 -12.46 -8.04 -0.78
CA LEU A 75 -12.07 -9.32 -1.38
C LEU A 75 -11.49 -9.13 -2.78
N GLY A 76 -12.06 -8.20 -3.55
CA GLY A 76 -11.48 -7.87 -4.84
C GLY A 76 -10.06 -7.37 -4.72
N MET A 77 -9.82 -6.50 -3.73
CA MET A 77 -8.48 -6.00 -3.47
C MET A 77 -7.53 -7.15 -3.10
N MET A 78 -8.02 -8.11 -2.31
CA MET A 78 -7.21 -9.27 -1.96
C MET A 78 -6.77 -10.02 -3.22
N VAL A 79 -7.75 -10.33 -4.08
CA VAL A 79 -7.45 -11.07 -5.31
C VAL A 79 -6.48 -10.28 -6.18
N GLY A 80 -6.73 -8.98 -6.33
CA GLY A 80 -5.84 -8.16 -7.14
C GLY A 80 -4.44 -8.12 -6.59
N ALA A 81 -4.31 -8.00 -5.28
CA ALA A 81 -2.99 -7.99 -4.67
C ALA A 81 -2.23 -9.27 -5.02
N PHE A 82 -2.84 -10.43 -4.80
CA PHE A 82 -2.13 -11.66 -5.09
C PHE A 82 -1.80 -11.75 -6.58
N LEU A 83 -2.78 -11.46 -7.44
CA LEU A 83 -2.61 -11.62 -8.88
C LEU A 83 -1.48 -10.74 -9.40
N TRP A 84 -1.57 -9.43 -9.15
CA TRP A 84 -0.59 -8.52 -9.73
C TRP A 84 0.77 -8.67 -9.06
N GLY A 85 0.83 -8.95 -7.76
CA GLY A 85 2.11 -9.22 -7.13
C GLY A 85 2.80 -10.42 -7.73
N GLY A 86 2.03 -11.49 -8.00
CA GLY A 86 2.62 -12.65 -8.65
C GLY A 86 3.10 -12.34 -10.04
N LEU A 87 2.29 -11.62 -10.83
CA LEU A 87 2.66 -11.35 -12.22
C LEU A 87 3.83 -10.39 -12.32
N ALA A 88 3.97 -9.47 -11.37
CA ALA A 88 5.05 -8.47 -11.47
C ALA A 88 6.43 -9.10 -11.46
N ASP A 89 6.56 -10.34 -11.00
CA ASP A 89 7.84 -11.04 -11.03
C ASP A 89 8.10 -11.73 -12.37
N ARG A 90 7.12 -11.80 -13.25
CA ARG A 90 7.24 -12.46 -14.54
C ARG A 90 7.15 -11.50 -15.71
N LEU A 91 6.29 -10.50 -15.64
CA LEU A 91 6.10 -9.54 -16.73
C LEU A 91 6.82 -8.22 -16.52
N GLY A 92 7.19 -7.91 -15.29
CA GLY A 92 7.87 -6.66 -14.99
C GLY A 92 7.12 -5.76 -14.03
N ARG A 93 7.84 -4.85 -13.38
CA ARG A 93 7.21 -3.96 -12.41
C ARG A 93 6.36 -2.91 -13.12
N ARG A 94 6.96 -2.18 -14.05
CA ARG A 94 6.26 -1.12 -14.77
C ARG A 94 5.08 -1.68 -15.56
N GLN A 95 5.28 -2.82 -16.22
CA GLN A 95 4.21 -3.41 -17.01
C GLN A 95 2.99 -3.71 -16.16
N CYS A 96 3.18 -4.42 -15.05
CA CYS A 96 2.05 -4.82 -14.22
C CYS A 96 1.44 -3.64 -13.50
N LEU A 97 2.27 -2.65 -13.11
CA LEU A 97 1.70 -1.45 -12.50
C LEU A 97 0.81 -0.72 -13.49
N LEU A 98 1.26 -0.60 -14.75
CA LEU A 98 0.45 0.03 -15.77
C LEU A 98 -0.86 -0.71 -15.97
N ILE A 99 -0.79 -2.04 -16.07
CA ILE A 99 -2.00 -2.83 -16.32
C ILE A 99 -2.99 -2.68 -15.17
N SER A 100 -2.51 -2.80 -13.93
CA SER A 100 -3.40 -2.72 -12.78
C SER A 100 -4.01 -1.33 -12.65
N LEU A 101 -3.20 -0.28 -12.82
CA LEU A 101 -3.75 1.08 -12.74
C LEU A 101 -4.74 1.33 -13.85
N SER A 102 -4.49 0.77 -15.04
CA SER A 102 -5.44 0.91 -16.14
C SER A 102 -6.77 0.25 -15.81
N VAL A 103 -6.72 -0.96 -15.23
CA VAL A 103 -7.96 -1.62 -14.82
C VAL A 103 -8.72 -0.76 -13.82
N ASN A 104 -8.01 -0.28 -12.79
CA ASN A 104 -8.64 0.53 -11.76
C ASN A 104 -9.28 1.76 -12.36
N SER A 105 -8.54 2.49 -13.20
CA SER A 105 -9.04 3.72 -13.79
C SER A 105 -10.23 3.47 -14.69
N VAL A 106 -10.14 2.43 -15.54
CA VAL A 106 -11.22 2.18 -16.49
C VAL A 106 -12.51 1.85 -15.76
N PHE A 107 -12.45 0.96 -14.76
CA PHE A 107 -13.70 0.56 -14.12
C PHE A 107 -14.19 1.59 -13.11
N ALA A 108 -13.30 2.39 -12.52
CA ALA A 108 -13.75 3.55 -11.76
C ALA A 108 -14.50 4.53 -12.66
N PHE A 109 -13.98 4.75 -13.87
CA PHE A 109 -14.65 5.60 -14.84
C PHE A 109 -16.02 5.03 -15.19
N PHE A 110 -16.08 3.72 -15.43
CA PHE A 110 -17.36 3.10 -15.80
C PHE A 110 -18.37 3.18 -14.66
N SER A 111 -17.93 3.04 -13.42
CA SER A 111 -18.84 3.07 -12.28
C SER A 111 -19.57 4.40 -12.15
N SER A 112 -19.07 5.46 -12.78
CA SER A 112 -19.73 6.76 -12.72
C SER A 112 -21.04 6.78 -13.51
N PHE A 113 -21.14 5.94 -14.54
CA PHE A 113 -22.27 5.98 -15.46
C PHE A 113 -23.29 4.88 -15.26
N VAL A 114 -23.03 3.90 -14.39
CA VAL A 114 -23.98 2.81 -14.21
C VAL A 114 -25.30 3.36 -13.65
N GLN A 115 -26.37 2.59 -13.84
CA GLN A 115 -27.71 2.99 -13.43
C GLN A 115 -28.36 1.97 -12.50
N GLY A 116 -27.56 1.21 -11.74
CA GLY A 116 -28.11 0.21 -10.86
C GLY A 116 -27.09 -0.30 -9.86
N TYR A 117 -27.57 -0.79 -8.71
CA TYR A 117 -26.66 -1.21 -7.65
C TYR A 117 -25.81 -2.40 -8.08
N GLY A 118 -26.39 -3.35 -8.82
CA GLY A 118 -25.62 -4.53 -9.21
C GLY A 118 -24.44 -4.18 -10.11
N THR A 119 -24.69 -3.37 -11.14
CA THR A 119 -23.61 -2.98 -12.04
C THR A 119 -22.57 -2.12 -11.34
N PHE A 120 -23.01 -1.26 -10.43
CA PHE A 120 -22.07 -0.46 -9.64
C PHE A 120 -21.20 -1.35 -8.78
N LEU A 121 -21.80 -2.36 -8.15
CA LEU A 121 -21.04 -3.32 -7.37
C LEU A 121 -20.01 -4.02 -8.24
N PHE A 122 -20.41 -4.44 -9.44
CA PHE A 122 -19.48 -5.12 -10.35
C PHE A 122 -18.30 -4.21 -10.71
N CYS A 123 -18.60 -2.99 -11.15
CA CYS A 123 -17.54 -2.07 -11.58
C CYS A 123 -16.62 -1.71 -10.42
N ARG A 124 -17.20 -1.47 -9.24
CA ARG A 124 -16.39 -1.15 -8.07
C ARG A 124 -15.53 -2.32 -7.64
N LEU A 125 -16.06 -3.55 -7.75
CA LEU A 125 -15.27 -4.74 -7.44
C LEU A 125 -14.07 -4.85 -8.36
N LEU A 126 -14.28 -4.65 -9.67
CA LEU A 126 -13.15 -4.74 -10.59
C LEU A 126 -12.17 -3.59 -10.38
N SER A 127 -12.66 -2.41 -9.99
CA SER A 127 -11.76 -1.32 -9.61
C SER A 127 -10.89 -1.72 -8.43
N GLY A 128 -11.48 -2.37 -7.43
CA GLY A 128 -10.69 -2.87 -6.32
C GLY A 128 -9.66 -3.90 -6.77
N VAL A 129 -10.07 -4.81 -7.64
CA VAL A 129 -9.13 -5.80 -8.18
C VAL A 129 -7.95 -5.11 -8.84
N GLY A 130 -8.23 -4.05 -9.59
CA GLY A 130 -7.18 -3.29 -10.23
C GLY A 130 -6.25 -2.61 -9.24
N ILE A 131 -6.80 -1.87 -8.29
CA ILE A 131 -5.95 -1.09 -7.39
C ILE A 131 -5.20 -1.97 -6.40
N GLY A 132 -5.66 -3.19 -6.17
CA GLY A 132 -5.03 -4.02 -5.15
C GLY A 132 -3.54 -4.23 -5.36
N GLY A 133 -3.05 -4.11 -6.60
CA GLY A 133 -1.67 -4.43 -6.90
C GLY A 133 -0.66 -3.33 -6.69
N SER A 134 -1.11 -2.11 -6.37
CA SER A 134 -0.23 -0.95 -6.39
C SER A 134 0.89 -1.06 -5.36
N ILE A 135 0.53 -1.16 -4.08
CA ILE A 135 1.54 -1.08 -3.00
C ILE A 135 2.65 -2.09 -3.19
N PRO A 136 2.37 -3.40 -3.32
CA PRO A 136 3.47 -4.38 -3.46
C PRO A 136 4.40 -4.07 -4.61
N ILE A 137 3.85 -3.66 -5.75
CA ILE A 137 4.68 -3.33 -6.89
C ILE A 137 5.41 -2.01 -6.67
N VAL A 138 4.72 -1.00 -6.13
CA VAL A 138 5.34 0.32 -5.96
C VAL A 138 6.59 0.21 -5.10
N PHE A 139 6.48 -0.43 -3.94
CA PHE A 139 7.60 -0.43 -3.02
C PHE A 139 8.81 -1.16 -3.60
N SER A 140 8.60 -2.33 -4.21
CA SER A 140 9.71 -3.05 -4.82
C SER A 140 10.30 -2.28 -6.00
N TYR A 141 9.44 -1.73 -6.85
CA TYR A 141 9.86 -0.99 -8.02
C TYR A 141 10.74 0.19 -7.64
N PHE A 142 10.35 0.90 -6.57
CA PHE A 142 11.17 2.01 -6.11
C PHE A 142 12.45 1.52 -5.43
N SER A 143 12.35 0.44 -4.65
CA SER A 143 13.51 -0.06 -3.93
C SER A 143 14.62 -0.47 -4.88
N GLU A 144 14.25 -0.95 -6.07
CA GLU A 144 15.25 -1.44 -7.02
C GLU A 144 16.08 -0.34 -7.67
N PHE A 145 15.90 0.94 -7.29
CA PHE A 145 16.72 2.03 -7.78
C PHE A 145 17.53 2.70 -6.68
N LEU A 146 17.51 2.16 -5.46
CA LEU A 146 18.07 2.80 -4.29
C LEU A 146 19.33 2.06 -3.83
N ALA A 147 20.40 2.82 -3.62
CA ALA A 147 21.61 2.25 -3.03
C ALA A 147 21.42 2.02 -1.53
N GLN A 148 22.25 1.13 -0.98
CA GLN A 148 22.08 0.70 0.40
C GLN A 148 22.37 1.80 1.41
N GLU A 149 23.08 2.87 1.02
CA GLU A 149 23.49 3.87 1.99
C GLU A 149 22.30 4.50 2.69
N LYS A 150 21.28 4.89 1.91
CA LYS A 150 20.11 5.56 2.46
C LYS A 150 18.81 4.93 1.96
N ARG A 151 18.84 3.64 1.63
CA ARG A 151 17.65 3.00 1.07
C ARG A 151 16.48 3.05 2.04
N GLY A 152 16.74 2.87 3.33
CA GLY A 152 15.64 2.84 4.29
C GLY A 152 14.93 4.18 4.40
N GLU A 153 15.70 5.26 4.48
CA GLU A 153 15.11 6.60 4.56
C GLU A 153 14.30 6.91 3.30
N HIS A 154 14.86 6.58 2.14
CA HIS A 154 14.17 6.87 0.88
C HIS A 154 12.90 6.06 0.72
N LEU A 155 12.90 4.81 1.18
CA LEU A 155 11.66 4.03 1.19
C LEU A 155 10.66 4.56 2.21
N SER A 156 11.16 5.03 3.35
CA SER A 156 10.27 5.57 4.38
C SER A 156 9.58 6.84 3.93
N TRP A 157 10.26 7.68 3.16
CA TRP A 157 9.65 8.93 2.69
C TRP A 157 8.45 8.67 1.78
N LEU A 158 8.32 7.45 1.25
CA LEU A 158 7.30 7.17 0.24
C LEU A 158 5.90 7.06 0.82
N CYS A 159 5.77 6.76 2.11
CA CYS A 159 4.48 6.40 2.69
C CYS A 159 3.53 7.59 2.86
N MET A 160 4.03 8.82 2.74
CA MET A 160 3.16 9.98 2.96
C MET A 160 2.04 10.06 1.93
N PHE A 161 2.29 9.57 0.71
CA PHE A 161 1.31 9.74 -0.37
C PHE A 161 0.03 8.98 -0.08
N TRP A 162 0.08 7.91 0.71
CA TRP A 162 -1.13 7.19 1.06
C TRP A 162 -2.05 8.04 1.94
N MET A 163 -1.48 8.68 2.96
CA MET A 163 -2.26 9.58 3.79
C MET A 163 -2.73 10.78 3.00
N ILE A 164 -1.91 11.24 2.04
CA ILE A 164 -2.33 12.36 1.19
C ILE A 164 -3.52 11.95 0.33
N GLY A 165 -3.54 10.72 -0.16
CA GLY A 165 -4.70 10.22 -0.88
C GLY A 165 -5.93 10.15 -0.01
N GLY A 166 -5.76 9.72 1.23
CA GLY A 166 -6.89 9.73 2.16
C GLY A 166 -7.44 11.14 2.36
N VAL A 167 -6.55 12.11 2.54
CA VAL A 167 -6.97 13.51 2.71
C VAL A 167 -7.68 14.01 1.46
N TYR A 168 -7.13 13.68 0.29
CA TYR A 168 -7.74 14.08 -0.97
C TYR A 168 -9.15 13.54 -1.08
N ALA A 169 -9.32 12.24 -0.80
CA ALA A 169 -10.65 11.64 -0.86
C ALA A 169 -11.61 12.31 0.11
N ALA A 170 -11.16 12.55 1.34
CA ALA A 170 -12.04 13.17 2.33
C ALA A 170 -12.44 14.57 1.91
N ALA A 171 -11.49 15.37 1.43
CA ALA A 171 -11.80 16.74 1.02
C ALA A 171 -12.76 16.75 -0.16
N MET A 172 -12.53 15.89 -1.14
CA MET A 172 -13.44 15.84 -2.29
C MET A 172 -14.83 15.37 -1.87
N ALA A 173 -14.90 14.41 -0.94
CA ALA A 173 -16.21 13.96 -0.46
C ALA A 173 -16.96 15.09 0.23
N TRP A 174 -16.27 15.86 1.08
CA TRP A 174 -16.91 16.98 1.74
C TRP A 174 -17.33 18.04 0.75
N ALA A 175 -16.51 18.29 -0.28
CA ALA A 175 -16.78 19.38 -1.21
C ALA A 175 -17.92 19.04 -2.16
N ILE A 176 -17.99 17.79 -2.62
CA ILE A 176 -18.84 17.43 -3.74
C ILE A 176 -20.15 16.77 -3.28
N ILE A 177 -20.08 15.94 -2.25
CA ILE A 177 -21.28 15.22 -1.80
C ILE A 177 -21.42 15.32 -0.29
N PRO A 178 -21.61 16.52 0.27
CA PRO A 178 -22.04 16.59 1.67
C PRO A 178 -23.40 15.93 1.83
N HIS A 179 -23.61 15.31 2.99
CA HIS A 179 -24.80 14.53 3.32
C HIS A 179 -24.86 13.20 2.58
N TYR A 180 -23.90 12.90 1.72
CA TYR A 180 -23.73 11.56 1.15
C TYR A 180 -24.95 11.09 0.36
N GLY A 181 -25.62 11.99 -0.36
CA GLY A 181 -26.68 11.59 -1.27
C GLY A 181 -26.16 10.70 -2.39
N TRP A 182 -26.75 9.52 -2.57
CA TRP A 182 -26.22 8.53 -3.50
C TRP A 182 -27.34 7.86 -4.30
N SER A 183 -28.31 8.65 -4.76
CA SER A 183 -29.41 8.10 -5.55
C SER A 183 -28.93 7.70 -6.93
N PHE A 184 -29.24 6.46 -7.33
CA PHE A 184 -28.82 5.97 -8.65
C PHE A 184 -29.69 6.56 -9.76
N GLY A 187 -29.42 10.73 -10.97
CA GLY A 187 -28.96 11.58 -9.90
C GLY A 187 -27.90 12.63 -10.18
N SER A 188 -27.54 12.88 -11.45
CA SER A 188 -26.64 13.99 -11.73
C SER A 188 -27.25 15.00 -12.70
N ALA A 189 -27.60 14.52 -13.89
CA ALA A 189 -27.93 15.40 -15.02
C ALA A 189 -26.93 16.55 -15.11
N TYR A 190 -25.64 16.23 -14.97
CA TYR A 190 -24.56 17.21 -15.03
C TYR A 190 -24.73 18.29 -13.95
N GLN A 191 -24.94 17.84 -12.70
CA GLN A 191 -25.14 18.77 -11.59
C GLN A 191 -23.85 19.33 -11.03
N PHE A 192 -22.71 18.69 -11.28
CA PHE A 192 -21.40 19.08 -10.72
C PHE A 192 -21.38 18.98 -9.19
N HIS A 193 -22.43 18.41 -8.58
CA HIS A 193 -22.52 18.31 -7.13
C HIS A 193 -23.03 16.93 -6.75
N SER A 194 -22.55 15.89 -7.41
CA SER A 194 -23.21 14.60 -7.34
C SER A 194 -22.19 13.48 -7.18
N TRP A 195 -22.69 12.34 -6.72
CA TRP A 195 -21.83 11.20 -6.45
C TRP A 195 -21.13 10.70 -7.70
N ARG A 196 -21.75 10.85 -8.87
CA ARG A 196 -21.06 10.48 -10.10
C ARG A 196 -19.85 11.36 -10.34
N VAL A 197 -19.97 12.67 -10.09
CA VAL A 197 -18.84 13.58 -10.23
C VAL A 197 -17.79 13.28 -9.17
N PHE A 198 -18.21 12.93 -7.95
CA PHE A 198 -17.25 12.54 -6.92
C PHE A 198 -16.49 11.28 -7.32
N VAL A 199 -17.19 10.30 -7.87
CA VAL A 199 -16.55 9.07 -8.33
C VAL A 199 -15.53 9.38 -9.42
N LEU A 200 -15.89 10.26 -10.35
CA LEU A 200 -14.95 10.66 -11.39
C LEU A 200 -13.73 11.36 -10.81
N VAL A 201 -13.95 12.31 -9.89
CA VAL A 201 -12.85 13.08 -9.33
C VAL A 201 -11.91 12.19 -8.54
N CYS A 202 -12.44 11.15 -7.90
CA CYS A 202 -11.58 10.22 -7.16
C CYS A 202 -10.64 9.45 -8.07
N ALA A 203 -10.98 9.33 -9.36
CA ALA A 203 -10.16 8.59 -10.31
C ALA A 203 -8.96 9.37 -10.81
N PHE A 204 -8.92 10.69 -10.61
CA PHE A 204 -7.85 11.50 -11.18
C PHE A 204 -6.46 11.05 -10.75
N PRO A 205 -6.20 10.73 -9.48
CA PRO A 205 -4.86 10.26 -9.12
C PRO A 205 -4.40 9.04 -9.91
N SER A 206 -5.29 8.09 -10.18
CA SER A 206 -4.91 6.90 -10.94
C SER A 206 -4.60 7.22 -12.39
N VAL A 207 -5.41 8.09 -13.01
CA VAL A 207 -5.18 8.46 -14.40
C VAL A 207 -3.87 9.22 -14.53
N PHE A 208 -3.61 10.14 -13.61
CA PHE A 208 -2.33 10.85 -13.61
C PHE A 208 -1.17 9.90 -13.37
N ALA A 209 -1.37 8.90 -12.50
CA ALA A 209 -0.34 7.91 -12.26
C ALA A 209 0.00 7.15 -13.54
N ILE A 210 -1.02 6.72 -14.27
CA ILE A 210 -0.79 6.02 -15.54
C ILE A 210 -0.02 6.94 -16.49
N GLY A 211 -0.51 8.16 -16.68
CA GLY A 211 0.12 9.07 -17.62
C GLY A 211 1.58 9.33 -17.31
N ALA A 212 1.87 9.64 -16.04
CA ALA A 212 3.25 9.91 -15.64
C ALA A 212 4.10 8.66 -15.73
N LEU A 213 3.53 7.50 -15.36
CA LEU A 213 4.29 6.26 -15.33
C LEU A 213 4.70 5.80 -16.72
N THR A 214 3.92 6.16 -17.74
CA THR A 214 4.31 5.77 -19.10
C THR A 214 5.71 6.28 -19.44
N THR A 215 6.14 7.39 -18.83
CA THR A 215 7.43 7.99 -19.15
C THR A 215 8.62 7.29 -18.49
N GLN A 216 8.39 6.52 -17.43
CA GLN A 216 9.49 5.96 -16.66
C GLN A 216 9.97 4.64 -17.25
N PRO A 217 11.22 4.27 -16.99
CA PRO A 217 11.75 3.01 -17.50
C PRO A 217 11.36 1.82 -16.64
N GLU A 218 11.41 0.64 -17.25
CA GLU A 218 11.25 -0.60 -16.50
C GLU A 218 12.45 -0.82 -15.58
N SER A 219 12.24 -1.58 -14.51
CA SER A 219 13.28 -1.84 -13.53
C SER A 219 14.44 -2.60 -14.16
N PRO A 220 15.68 -2.12 -14.07
CA PRO A 220 16.79 -2.88 -14.65
C PRO A 220 17.13 -4.15 -13.91
N ARG A 221 16.84 -4.21 -12.60
CA ARG A 221 17.06 -5.45 -11.86
C ARG A 221 16.19 -6.57 -12.40
N PHE A 222 14.94 -6.26 -12.76
CA PHE A 222 14.09 -7.25 -13.40
C PHE A 222 14.68 -7.73 -14.71
N PHE A 223 15.22 -6.81 -15.52
CA PHE A 223 15.84 -7.20 -16.77
C PHE A 223 17.02 -8.13 -16.54
N LEU A 224 17.89 -7.78 -15.58
CA LEU A 224 19.08 -8.59 -15.32
C LEU A 224 18.71 -9.96 -14.79
N GLU A 225 17.71 -10.03 -13.91
CA GLU A 225 17.27 -11.31 -13.36
C GLU A 225 16.61 -12.19 -14.41
N ASN A 226 16.22 -11.63 -15.55
CA ASN A 226 15.59 -12.39 -16.64
C ASN A 226 16.47 -12.49 -17.88
N GLY A 227 17.76 -12.14 -17.76
CA GLY A 227 18.70 -12.34 -18.85
C GLY A 227 18.71 -11.30 -19.93
N LYS A 228 18.09 -10.13 -19.70
CA LYS A 228 18.08 -9.05 -20.70
C LYS A 228 19.16 -8.04 -20.32
N HIS A 229 20.37 -8.30 -20.80
CA HIS A 229 21.52 -7.45 -20.45
C HIS A 229 21.38 -6.06 -21.03
N ASP A 230 21.10 -5.96 -22.34
CA ASP A 230 21.20 -4.67 -23.02
C ASP A 230 20.13 -3.69 -22.55
N GLU A 231 18.90 -4.16 -22.33
CA GLU A 231 17.86 -3.27 -21.82
C GLU A 231 18.24 -2.72 -20.45
N ALA A 232 18.73 -3.58 -19.57
CA ALA A 232 19.14 -3.12 -18.24
C ALA A 232 20.28 -2.12 -18.34
N TRP A 233 21.25 -2.38 -19.21
CA TRP A 233 22.36 -1.45 -19.39
C TRP A 233 21.86 -0.10 -19.87
N MET A 234 20.92 -0.10 -20.82
CA MET A 234 20.36 1.16 -21.32
C MET A 234 19.65 1.92 -20.21
N VAL A 235 18.84 1.22 -19.40
CA VAL A 235 18.11 1.89 -18.33
C VAL A 235 19.07 2.47 -17.31
N LEU A 236 20.10 1.71 -16.94
CA LEU A 236 21.07 2.20 -15.96
C LEU A 236 21.86 3.38 -16.50
N LYS A 237 22.21 3.35 -17.79
CA LYS A 237 22.84 4.50 -18.41
C LYS A 237 21.93 5.72 -18.37
N GLN A 238 20.64 5.51 -18.63
CA GLN A 238 19.67 6.61 -18.52
C GLN A 238 19.69 7.21 -17.12
N VAL A 239 19.67 6.35 -16.09
CA VAL A 239 19.67 6.84 -14.71
C VAL A 239 20.93 7.67 -14.45
N HIS A 240 22.09 7.12 -14.81
CA HIS A 240 23.35 7.80 -14.56
C HIS A 240 23.39 9.15 -15.27
N ASP A 241 23.03 9.16 -16.56
CA ASP A 241 23.08 10.40 -17.32
C ASP A 241 22.10 11.44 -16.77
N THR A 242 20.90 11.01 -16.38
CA THR A 242 19.94 11.97 -15.81
C THR A 242 20.52 12.59 -14.54
N ASN A 243 21.03 11.76 -13.63
CA ASN A 243 21.54 12.28 -12.37
C ASN A 243 22.72 13.22 -12.60
N MET A 244 23.66 12.81 -13.45
CA MET A 244 24.86 13.61 -13.63
C MET A 244 24.58 14.90 -14.39
N ARG A 245 23.70 14.85 -15.39
CA ARG A 245 23.34 16.08 -16.10
C ARG A 245 22.60 17.04 -15.17
N ALA A 246 21.73 16.52 -14.31
CA ALA A 246 21.05 17.39 -13.35
C ALA A 246 22.03 18.05 -12.39
N LYS A 247 23.12 17.35 -12.05
CA LYS A 247 24.13 17.89 -11.14
C LYS A 247 25.16 18.77 -11.83
N GLY A 248 25.00 19.03 -13.12
CA GLY A 248 25.92 19.91 -13.82
C GLY A 248 27.21 19.27 -14.27
N HIS A 249 27.24 17.95 -14.43
CA HIS A 249 28.42 17.22 -14.91
C HIS A 249 28.04 16.40 -16.12
N PRO A 250 27.63 17.06 -17.21
CA PRO A 250 27.22 16.31 -18.41
C PRO A 250 28.34 15.55 -19.09
N GLU A 251 29.60 15.86 -18.80
CA GLU A 251 30.73 15.21 -19.47
C GLU A 251 31.10 13.86 -18.87
N ARG A 252 30.59 13.52 -17.70
CA ARG A 252 30.95 12.26 -17.06
C ARG A 252 30.39 11.08 -17.84
N VAL A 253 31.17 10.00 -17.90
CA VAL A 253 30.89 8.86 -18.76
C VAL A 253 30.52 7.66 -17.90
N PHE A 254 29.44 6.98 -18.28
CA PHE A 254 29.01 5.75 -17.62
C PHE A 254 29.98 4.62 -17.97
N SER A 255 30.71 4.12 -16.97
CA SER A 255 31.84 3.22 -17.21
C SER A 255 31.47 1.74 -17.26
N VAL A 256 30.23 1.36 -16.96
CA VAL A 256 29.90 -0.06 -16.89
C VAL A 256 30.04 -0.68 -18.26
N THR A 257 30.89 -1.71 -18.36
CA THR A 257 31.10 -2.42 -19.62
C THR A 257 30.16 -3.61 -19.77
N HIS A 258 30.05 -4.44 -18.73
CA HIS A 258 29.25 -5.65 -18.78
C HIS A 258 28.71 -5.95 -17.39
N ILE A 259 27.50 -6.51 -17.35
CA ILE A 259 26.79 -6.77 -16.11
C ILE A 259 26.42 -8.24 -16.03
N LYS A 260 26.51 -8.80 -14.82
CA LYS A 260 26.07 -10.17 -14.60
C LYS A 260 24.58 -10.31 -14.93
N THR A 261 24.23 -11.42 -15.57
CA THR A 261 22.85 -11.71 -15.92
C THR A 261 22.52 -13.15 -15.57
N ILE A 262 21.24 -13.39 -15.29
CA ILE A 262 20.73 -14.72 -14.95
C ILE A 262 19.99 -15.27 -16.17
N HIS A 263 20.26 -16.52 -16.51
CA HIS A 263 19.63 -17.18 -17.66
C HIS A 263 18.88 -18.41 -17.21
N THR A 277 -3.68 -21.80 -33.14
CA THR A 277 -4.41 -20.54 -33.27
C THR A 277 -3.89 -19.51 -32.28
N TRP A 278 -4.36 -18.26 -32.41
CA TRP A 278 -3.97 -17.23 -31.46
C TRP A 278 -4.50 -17.54 -30.06
N TYR A 279 -5.74 -18.00 -29.95
CA TYR A 279 -6.30 -18.27 -28.62
C TYR A 279 -5.64 -19.48 -27.97
N GLN A 280 -5.27 -20.50 -28.75
CA GLN A 280 -4.53 -21.62 -28.20
C GLN A 280 -3.18 -21.19 -27.64
N ARG A 281 -2.47 -20.34 -28.39
CA ARG A 281 -1.19 -19.82 -27.92
C ARG A 281 -1.37 -18.99 -26.66
N TRP A 282 -2.43 -18.18 -26.60
CA TRP A 282 -2.71 -17.43 -25.39
C TRP A 282 -2.97 -18.35 -24.21
N GLY A 283 -3.72 -19.42 -24.44
CA GLY A 283 -4.00 -20.36 -23.35
C GLY A 283 -2.75 -21.00 -22.81
N VAL A 284 -1.88 -21.48 -23.70
CA VAL A 284 -0.63 -22.10 -23.25
C VAL A 284 0.23 -21.10 -22.50
N ARG A 285 0.30 -19.86 -23.02
CA ARG A 285 1.06 -18.81 -22.33
C ARG A 285 0.52 -18.58 -20.93
N ALA A 286 -0.81 -18.51 -20.79
CA ALA A 286 -1.42 -18.29 -19.48
C ALA A 286 -1.11 -19.44 -18.54
N LEU A 287 -1.15 -20.68 -19.05
CA LEU A 287 -0.82 -21.83 -18.22
C LEU A 287 0.62 -21.74 -17.71
N SER A 288 1.55 -21.37 -18.60
CA SER A 288 2.95 -21.25 -18.19
C SER A 288 3.10 -20.17 -17.12
N LEU A 289 2.43 -19.03 -17.30
CA LEU A 289 2.53 -17.96 -16.33
C LEU A 289 1.97 -18.38 -14.97
N GLY A 290 0.83 -19.06 -14.98
CA GLY A 290 0.27 -19.56 -13.73
C GLY A 290 1.22 -20.51 -13.02
N GLY A 291 1.83 -21.43 -13.78
CA GLY A 291 2.77 -22.35 -13.18
C GLY A 291 3.95 -21.64 -12.53
N GLN A 292 4.50 -20.63 -13.22
CA GLN A 292 5.64 -19.92 -12.67
C GLN A 292 5.27 -19.11 -11.42
N VAL A 293 4.13 -18.43 -11.45
CA VAL A 293 3.69 -17.68 -10.27
C VAL A 293 3.48 -18.61 -9.09
N TRP A 294 2.84 -19.76 -9.33
CA TRP A 294 2.64 -20.73 -8.26
C TRP A 294 3.96 -21.24 -7.72
N GLY A 295 4.93 -21.47 -8.61
CA GLY A 295 6.25 -21.89 -8.16
C GLY A 295 6.90 -20.86 -7.24
N ASN A 296 6.82 -19.59 -7.61
CA ASN A 296 7.38 -18.55 -6.74
C ASN A 296 6.67 -18.53 -5.39
N PHE A 297 5.33 -18.61 -5.40
CA PHE A 297 4.59 -18.55 -4.15
C PHE A 297 4.98 -19.70 -3.23
N LEU A 298 5.07 -20.92 -3.79
CA LEU A 298 5.47 -22.05 -2.98
C LEU A 298 6.93 -21.94 -2.53
N SER A 299 7.79 -21.34 -3.35
CA SER A 299 9.16 -21.11 -2.94
C SER A 299 9.24 -20.16 -1.74
N CYS A 300 8.24 -19.28 -1.59
CA CYS A 300 8.22 -18.41 -0.43
C CYS A 300 8.15 -19.18 0.88
N PHE A 301 7.72 -20.45 0.85
CA PHE A 301 7.64 -21.29 2.03
C PHE A 301 8.70 -22.39 2.04
N GLY A 302 9.71 -22.30 1.19
CA GLY A 302 10.78 -23.26 1.18
C GLY A 302 11.53 -23.25 2.51
N PRO A 303 12.42 -24.23 2.70
CA PRO A 303 13.09 -24.35 4.01
C PRO A 303 13.90 -23.14 4.40
N GLU A 304 14.41 -22.36 3.45
CA GLU A 304 15.25 -21.21 3.75
C GLU A 304 14.46 -19.92 3.98
N TYR A 305 13.15 -19.91 3.72
CA TYR A 305 12.31 -18.74 3.94
C TYR A 305 11.08 -18.99 4.80
N ARG A 306 10.79 -20.25 5.15
CA ARG A 306 9.53 -20.58 5.82
C ARG A 306 9.33 -19.78 7.10
N ARG A 307 10.33 -19.78 7.97
CA ARG A 307 10.20 -19.11 9.27
C ARG A 307 9.96 -17.62 9.09
N ILE A 308 10.73 -16.98 8.21
CA ILE A 308 10.57 -15.55 7.97
C ILE A 308 9.16 -15.26 7.47
N THR A 309 8.68 -16.08 6.53
CA THR A 309 7.35 -15.85 5.98
C THR A 309 6.27 -15.99 7.03
N LEU A 310 6.38 -17.00 7.90
CA LEU A 310 5.36 -17.18 8.94
C LEU A 310 5.36 -16.03 9.92
N MET A 311 6.54 -15.57 10.33
CA MET A 311 6.59 -14.45 11.27
C MET A 311 6.05 -13.17 10.64
N MET A 312 6.42 -12.96 9.33
CA MET A 312 5.88 -11.82 8.60
C MET A 312 4.37 -11.90 8.51
N MET A 313 3.81 -13.05 8.27
CA MET A 313 2.36 -13.22 8.24
C MET A 313 1.74 -12.81 9.57
N GLY A 314 2.31 -13.30 10.67
CA GLY A 314 1.74 -12.96 11.97
C GLY A 314 1.75 -11.47 12.24
N VAL A 315 2.88 -10.81 11.99
CA VAL A 315 3.00 -9.38 12.30
C VAL A 315 2.03 -8.58 11.44
N TRP A 316 2.05 -8.81 10.12
CA TRP A 316 1.18 -8.06 9.24
C TRP A 316 -0.29 -8.28 9.58
N PHE A 317 -0.67 -9.52 9.84
CA PHE A 317 -2.07 -9.80 10.16
C PHE A 317 -2.50 -9.04 11.39
N THR A 318 -1.70 -9.10 12.46
CA THR A 318 -2.11 -8.43 13.69
C THR A 318 -2.22 -6.92 13.50
N MET A 319 -1.24 -6.31 12.81
CA MET A 319 -1.29 -4.87 12.62
C MET A 319 -2.51 -4.45 11.81
N SER A 320 -2.75 -5.12 10.68
CA SER A 320 -3.90 -4.77 9.85
C SER A 320 -5.21 -4.98 10.60
N PHE A 321 -5.30 -6.09 11.33
CA PHE A 321 -6.50 -6.37 12.11
C PHE A 321 -6.80 -5.24 13.08
N SER A 322 -5.81 -4.84 13.88
CA SER A 322 -6.06 -3.80 14.86
C SER A 322 -6.44 -2.48 14.19
N TYR A 323 -5.70 -2.08 13.16
CA TYR A 323 -5.99 -0.79 12.53
C TYR A 323 -7.39 -0.76 11.94
N TYR A 324 -7.74 -1.78 11.15
CA TYR A 324 -9.03 -1.73 10.46
C TYR A 324 -10.20 -2.03 11.39
N GLY A 325 -9.95 -2.68 12.53
CA GLY A 325 -10.97 -2.71 13.57
C GLY A 325 -11.20 -1.35 14.19
N LEU A 326 -10.12 -0.61 14.44
CA LEU A 326 -10.29 0.75 14.98
C LEU A 326 -10.99 1.65 14.00
N THR A 327 -10.82 1.43 12.70
CA THR A 327 -11.50 2.26 11.72
C THR A 327 -13.01 2.24 11.88
N VAL A 328 -13.56 1.15 12.44
CA VAL A 328 -14.99 1.08 12.71
C VAL A 328 -15.31 1.35 14.18
N TRP A 329 -14.35 1.13 15.08
CA TRP A 329 -14.61 1.41 16.49
C TRP A 329 -14.68 2.92 16.75
N PHE A 330 -13.73 3.67 16.20
CA PHE A 330 -13.59 5.07 16.56
C PHE A 330 -14.79 5.92 16.15
N PRO A 331 -15.27 5.86 14.91
CA PRO A 331 -16.43 6.71 14.56
C PRO A 331 -17.64 6.47 15.45
N ASP A 332 -17.90 5.22 15.82
CA ASP A 332 -19.02 4.94 16.71
C ASP A 332 -18.78 5.52 18.09
N MET A 333 -17.53 5.50 18.56
CA MET A 333 -17.20 6.13 19.83
C MET A 333 -17.46 7.62 19.79
N ILE A 334 -17.08 8.27 18.68
CA ILE A 334 -17.32 9.70 18.53
C ILE A 334 -18.82 9.98 18.52
N ARG A 335 -19.58 9.15 17.80
CA ARG A 335 -21.03 9.33 17.78
C ARG A 335 -21.62 9.18 19.19
N HIS A 336 -21.15 8.19 19.94
CA HIS A 336 -21.67 7.99 21.30
C HIS A 336 -21.35 9.17 22.19
N LEU A 337 -20.11 9.66 22.12
CA LEU A 337 -19.73 10.81 22.94
C LEU A 337 -20.54 12.05 22.56
N GLN A 338 -20.75 12.26 21.27
CA GLN A 338 -21.55 13.39 20.83
C GLN A 338 -23.00 13.26 21.30
N ALA A 339 -23.55 12.05 21.30
CA ALA A 339 -24.90 11.85 21.82
C ALA A 339 -24.96 12.15 23.31
N VAL A 340 -23.98 11.67 24.07
CA VAL A 340 -23.97 11.93 25.51
C VAL A 340 -23.86 13.42 25.79
N ASP A 341 -23.01 14.12 25.03
CA ASP A 341 -22.88 15.57 25.20
C ASP A 341 -24.17 16.29 24.81
N TYR A 342 -24.78 15.88 23.70
CA TYR A 342 -26.01 16.50 23.23
C TYR A 342 -27.16 16.27 24.21
N ALA A 343 -27.07 15.23 25.03
CA ALA A 343 -28.07 14.98 26.07
C ALA A 343 -27.83 15.87 27.28
N SER A 344 -27.79 17.19 27.06
CA SER A 344 -27.57 18.14 28.16
C SER A 344 -28.20 19.48 27.83
N GLY A 455 -21.30 14.61 10.52
CA GLY A 455 -21.38 14.84 9.10
C GLY A 455 -20.07 14.58 8.38
N ALA A 456 -20.03 14.89 7.08
CA ALA A 456 -18.81 14.71 6.31
C ALA A 456 -17.68 15.60 6.83
N TYR A 457 -18.01 16.78 7.35
CA TYR A 457 -16.97 17.69 7.80
C TYR A 457 -16.22 17.12 8.99
N MET A 458 -16.90 16.39 9.87
CA MET A 458 -16.19 15.75 10.98
C MET A 458 -15.14 14.78 10.48
N VAL A 459 -15.50 13.95 9.51
CA VAL A 459 -14.56 12.99 8.96
C VAL A 459 -13.41 13.70 8.28
N TYR A 460 -13.70 14.73 7.49
CA TYR A 460 -12.64 15.47 6.81
C TYR A 460 -11.69 16.11 7.82
N PHE A 461 -12.25 16.74 8.85
CA PHE A 461 -11.44 17.39 9.88
C PHE A 461 -10.54 16.39 10.60
N VAL A 462 -11.11 15.28 11.04
CA VAL A 462 -10.34 14.27 11.76
C VAL A 462 -9.26 13.68 10.86
N SER A 463 -9.59 13.44 9.58
CA SER A 463 -8.60 12.90 8.66
C SER A 463 -7.45 13.88 8.46
N PHE A 464 -7.76 15.16 8.32
CA PHE A 464 -6.71 16.16 8.13
C PHE A 464 -5.80 16.23 9.35
N LEU A 465 -6.38 16.26 10.54
CA LEU A 465 -5.57 16.30 11.76
C LEU A 465 -4.75 15.02 11.90
N GLY A 466 -5.33 13.87 11.58
CA GLY A 466 -4.58 12.62 11.64
C GLY A 466 -3.40 12.61 10.68
N THR A 467 -3.58 13.18 9.49
CA THR A 467 -2.46 13.28 8.55
C THR A 467 -1.37 14.20 9.09
N LEU A 468 -1.77 15.33 9.66
CA LEU A 468 -0.77 16.22 10.25
C LEU A 468 -0.05 15.56 11.41
N ALA A 469 -0.74 14.66 12.13
CA ALA A 469 -0.10 13.93 13.22
C ALA A 469 0.84 12.86 12.70
N VAL A 470 0.45 12.19 11.62
CA VAL A 470 1.30 11.16 11.02
C VAL A 470 2.59 11.77 10.49
N LEU A 471 2.51 12.99 9.95
CA LEU A 471 3.67 13.60 9.30
C LEU A 471 4.91 13.64 10.18
N PRO A 472 4.87 14.14 11.43
CA PRO A 472 6.08 14.08 12.28
C PRO A 472 6.60 12.67 12.49
N GLY A 473 5.70 11.70 12.63
CA GLY A 473 6.11 10.33 12.84
C GLY A 473 6.80 9.73 11.63
N ASN A 474 6.42 10.17 10.44
CA ASN A 474 7.06 9.68 9.23
C ASN A 474 8.39 10.37 9.05
N ILE A 475 8.48 11.63 9.46
CA ILE A 475 9.77 12.32 9.38
C ILE A 475 10.78 11.65 10.30
N VAL A 476 10.40 11.43 11.56
CA VAL A 476 11.33 10.85 12.53
C VAL A 476 11.73 9.44 12.12
N SER A 477 10.76 8.61 11.72
CA SER A 477 11.08 7.24 11.34
C SER A 477 11.98 7.21 10.11
N ALA A 478 11.72 8.09 9.13
CA ALA A 478 12.56 8.15 7.95
C ALA A 478 13.98 8.54 8.31
N LEU A 479 14.14 9.52 9.20
CA LEU A 479 15.48 9.98 9.54
C LEU A 479 16.24 8.97 10.40
N LEU A 480 15.51 8.12 11.14
CA LEU A 480 16.17 7.14 12.02
C LEU A 480 16.31 5.75 11.40
N MET A 481 15.63 5.49 10.28
CA MET A 481 15.57 4.13 9.76
C MET A 481 16.95 3.57 9.48
N ASP A 482 17.82 4.34 8.85
CA ASP A 482 19.16 3.88 8.52
C ASP A 482 20.16 4.19 9.64
N LYS A 483 19.74 4.90 10.67
CA LYS A 483 20.62 5.20 11.80
C LYS A 483 20.58 4.11 12.86
N ILE A 484 19.38 3.68 13.25
CA ILE A 484 19.24 2.72 14.35
C ILE A 484 18.83 1.34 13.89
N GLY A 485 18.51 1.16 12.61
CA GLY A 485 18.14 -0.14 12.10
C GLY A 485 16.63 -0.33 12.05
N ARG A 486 16.22 -1.37 11.30
CA ARG A 486 14.79 -1.62 11.10
C ARG A 486 14.17 -2.32 12.29
N LEU A 487 14.91 -3.23 12.94
CA LEU A 487 14.33 -4.02 14.01
C LEU A 487 13.98 -3.16 15.22
N ARG A 488 14.89 -2.26 15.62
CA ARG A 488 14.62 -1.43 16.78
C ARG A 488 13.49 -0.45 16.51
N MET A 489 13.46 0.13 15.31
CA MET A 489 12.34 0.98 14.93
C MET A 489 11.03 0.21 15.06
N LEU A 490 10.99 -0.99 14.50
CA LEU A 490 9.75 -1.78 14.49
C LEU A 490 9.32 -2.12 15.90
N ALA A 491 10.26 -2.58 16.74
CA ALA A 491 9.91 -3.01 18.09
C ALA A 491 9.43 -1.83 18.94
N GLY A 492 10.19 -0.74 18.94
CA GLY A 492 9.78 0.42 19.72
C GLY A 492 8.44 0.97 19.26
N SER A 493 8.27 1.10 17.94
CA SER A 493 7.00 1.62 17.42
C SER A 493 5.85 0.67 17.72
N SER A 494 6.10 -0.64 17.74
CA SER A 494 5.02 -1.59 18.06
C SER A 494 4.62 -1.49 19.53
N VAL A 495 5.59 -1.37 20.43
CA VAL A 495 5.27 -1.20 21.84
C VAL A 495 4.49 0.09 22.06
N MET A 496 4.97 1.18 21.45
CA MET A 496 4.29 2.46 21.58
C MET A 496 2.88 2.40 20.99
N SER A 497 2.71 1.69 19.87
CA SER A 497 1.40 1.52 19.28
C SER A 497 0.47 0.76 20.22
N CYS A 498 0.98 -0.30 20.84
CA CYS A 498 0.17 -1.05 21.81
C CYS A 498 -0.31 -0.14 22.94
N VAL A 499 0.61 0.62 23.53
CA VAL A 499 0.24 1.46 24.67
C VAL A 499 -0.72 2.57 24.24
N SER A 500 -0.47 3.19 23.09
CA SER A 500 -1.34 4.27 22.62
C SER A 500 -2.73 3.74 22.28
N CYS A 501 -2.82 2.53 21.73
CA CYS A 501 -4.12 1.91 21.50
C CYS A 501 -4.83 1.65 22.82
N PHE A 502 -4.09 1.15 23.81
CA PHE A 502 -4.70 0.92 25.13
C PHE A 502 -5.26 2.22 25.71
N PHE A 503 -4.55 3.34 25.50
CA PHE A 503 -4.99 4.61 26.04
C PHE A 503 -6.37 5.03 25.51
N LEU A 504 -6.78 4.54 24.34
CA LEU A 504 -8.05 4.98 23.76
C LEU A 504 -9.22 4.69 24.69
N SER A 505 -9.11 3.69 25.56
CA SER A 505 -10.21 3.32 26.44
C SER A 505 -10.53 4.40 27.47
N PHE A 506 -9.66 5.39 27.63
CA PHE A 506 -9.80 6.39 28.68
C PHE A 506 -10.37 7.72 28.19
N GLY A 507 -10.59 7.87 26.89
CA GLY A 507 -11.08 9.14 26.37
C GLY A 507 -12.46 9.46 26.91
N ASN A 508 -12.61 10.68 27.46
CA ASN A 508 -13.86 11.14 28.05
C ASN A 508 -14.61 12.13 27.18
N SER A 509 -14.01 12.61 26.09
CA SER A 509 -14.63 13.67 25.30
C SER A 509 -14.09 13.61 23.88
N GLU A 510 -14.77 14.33 22.98
CA GLU A 510 -14.41 14.32 21.57
C GLU A 510 -12.98 14.84 21.37
N SER A 511 -12.62 15.93 22.03
CA SER A 511 -11.28 16.48 21.87
C SER A 511 -10.23 15.48 22.31
N ALA A 512 -10.43 14.84 23.46
CA ALA A 512 -9.48 13.87 23.95
C ALA A 512 -9.38 12.67 23.01
N MET A 513 -10.52 12.21 22.51
CA MET A 513 -10.51 11.07 21.59
C MET A 513 -9.74 11.39 20.31
N ILE A 514 -9.96 12.59 19.75
CA ILE A 514 -9.25 12.97 18.54
C ILE A 514 -7.75 13.09 18.80
N ALA A 515 -7.38 13.67 19.95
CA ALA A 515 -5.97 13.79 20.29
C ALA A 515 -5.32 12.42 20.42
N LEU A 516 -6.01 11.48 21.08
CA LEU A 516 -5.46 10.15 21.26
C LEU A 516 -5.36 9.40 19.95
N LEU A 517 -6.33 9.58 19.05
CA LEU A 517 -6.22 8.98 17.72
C LEU A 517 -5.04 9.53 16.96
N CYS A 518 -4.80 10.84 17.06
CA CYS A 518 -3.62 11.42 16.44
C CYS A 518 -2.34 10.80 17.00
N LEU A 519 -2.29 10.63 18.31
CA LEU A 519 -1.13 9.98 18.93
C LEU A 519 -0.92 8.58 18.37
N PHE A 520 -2.00 7.78 18.31
CA PHE A 520 -1.88 6.41 17.83
C PHE A 520 -1.38 6.37 16.40
N GLY A 521 -1.92 7.23 15.54
CA GLY A 521 -1.45 7.25 14.15
C GLY A 521 0.01 7.66 14.06
N GLY A 522 0.38 8.68 14.82
CA GLY A 522 1.76 9.14 14.78
C GLY A 522 2.75 8.07 15.18
N VAL A 523 2.38 7.24 16.16
CA VAL A 523 3.31 6.18 16.56
C VAL A 523 3.24 4.98 15.62
N SER A 524 2.08 4.68 15.05
CA SER A 524 1.93 3.48 14.23
C SER A 524 2.52 3.64 12.82
N ILE A 525 2.54 4.86 12.29
CA ILE A 525 3.13 5.07 10.97
C ILE A 525 4.57 4.59 10.95
N ALA A 526 5.30 4.79 12.07
CA ALA A 526 6.68 4.36 12.13
C ALA A 526 6.82 2.85 12.01
N SER A 527 5.94 2.09 12.66
CA SER A 527 6.02 0.64 12.60
C SER A 527 5.66 0.15 11.20
N TRP A 528 4.66 0.77 10.57
CA TRP A 528 4.33 0.39 9.20
C TRP A 528 5.47 0.69 8.24
N ASN A 529 6.15 1.83 8.42
CA ASN A 529 7.32 2.14 7.61
C ASN A 529 8.41 1.10 7.78
N ALA A 530 8.73 0.78 9.04
CA ALA A 530 9.81 -0.17 9.30
C ALA A 530 9.48 -1.54 8.71
N LEU A 531 8.22 -1.97 8.85
CA LEU A 531 7.84 -3.27 8.30
C LEU A 531 7.84 -3.25 6.77
N ASP A 532 7.51 -2.11 6.16
CA ASP A 532 7.62 -2.01 4.70
C ASP A 532 9.07 -2.21 4.25
N VAL A 533 10.00 -1.48 4.88
CA VAL A 533 11.40 -1.61 4.51
C VAL A 533 11.88 -3.04 4.74
N LEU A 534 11.53 -3.61 5.90
CA LEU A 534 11.97 -4.97 6.23
C LEU A 534 11.40 -5.99 5.25
N THR A 535 10.13 -5.84 4.87
CA THR A 535 9.54 -6.74 3.89
C THR A 535 10.25 -6.63 2.54
N VAL A 536 10.60 -5.41 2.13
CA VAL A 536 11.32 -5.24 0.87
C VAL A 536 12.66 -5.97 0.94
N GLU A 537 13.41 -5.78 2.02
CA GLU A 537 14.79 -6.25 2.07
C GLU A 537 14.93 -7.74 2.40
N LEU A 538 13.92 -8.36 3.00
CA LEU A 538 14.06 -9.75 3.44
C LEU A 538 13.87 -10.76 2.32
N TYR A 539 13.28 -10.37 1.19
CA TYR A 539 13.01 -11.32 0.13
C TYR A 539 13.84 -11.01 -1.12
N PRO A 540 14.25 -12.02 -1.88
CA PRO A 540 15.06 -11.76 -3.06
C PRO A 540 14.24 -11.19 -4.21
N SER A 541 14.97 -10.57 -5.15
CA SER A 541 14.32 -9.78 -6.20
C SER A 541 13.45 -10.63 -7.13
N ASP A 542 13.76 -11.91 -7.30
CA ASP A 542 13.02 -12.73 -8.25
C ASP A 542 11.67 -13.19 -7.72
N LYS A 543 11.39 -13.00 -6.43
CA LYS A 543 10.08 -13.30 -5.87
C LYS A 543 9.62 -12.23 -4.89
N ARG A 544 10.25 -11.05 -4.92
CA ARG A 544 9.93 -10.01 -3.95
C ARG A 544 8.48 -9.57 -4.07
N THR A 545 8.02 -9.29 -5.29
CA THR A 545 6.65 -8.81 -5.46
C THR A 545 5.65 -9.92 -5.19
N THR A 546 6.00 -11.18 -5.44
CA THR A 546 5.13 -12.28 -5.07
C THR A 546 4.92 -12.33 -3.57
N ALA A 547 6.02 -12.28 -2.81
CA ALA A 547 5.91 -12.29 -1.35
C ALA A 547 5.13 -11.09 -0.85
N PHE A 548 5.42 -9.90 -1.39
CA PHE A 548 4.76 -8.70 -0.94
C PHE A 548 3.27 -8.74 -1.25
N GLY A 549 2.90 -9.23 -2.44
CA GLY A 549 1.50 -9.34 -2.79
C GLY A 549 0.76 -10.33 -1.90
N PHE A 550 1.38 -11.47 -1.60
CA PHE A 550 0.76 -12.41 -0.69
C PHE A 550 0.52 -11.78 0.67
N LEU A 551 1.53 -11.06 1.19
CA LEU A 551 1.37 -10.43 2.49
C LEU A 551 0.30 -9.34 2.45
N ASN A 552 0.22 -8.59 1.36
CA ASN A 552 -0.80 -7.55 1.23
C ASN A 552 -2.20 -8.15 1.13
N ALA A 553 -2.34 -9.26 0.42
CA ALA A 553 -3.61 -9.98 0.39
C ALA A 553 -4.01 -10.46 1.77
N LEU A 554 -3.04 -10.97 2.54
CA LEU A 554 -3.31 -11.35 3.91
C LEU A 554 -3.74 -10.14 4.73
N CYS A 555 -3.12 -8.98 4.48
CA CYS A 555 -3.49 -7.77 5.20
C CYS A 555 -4.94 -7.36 4.89
N LYS A 556 -5.35 -7.48 3.63
CA LYS A 556 -6.73 -7.12 3.28
C LYS A 556 -7.72 -8.13 3.85
N LEU A 557 -7.35 -9.41 3.89
CA LEU A 557 -8.19 -10.39 4.57
C LEU A 557 -8.33 -10.04 6.04
N ALA A 558 -7.23 -9.64 6.67
CA ALA A 558 -7.29 -9.19 8.06
C ALA A 558 -8.18 -7.97 8.21
N ALA A 559 -8.15 -7.06 7.23
CA ALA A 559 -9.03 -5.90 7.27
C ALA A 559 -10.49 -6.33 7.26
N VAL A 560 -10.83 -7.27 6.37
CA VAL A 560 -12.21 -7.80 6.32
C VAL A 560 -12.60 -8.35 7.69
N LEU A 561 -11.75 -9.22 8.24
CA LEU A 561 -12.08 -9.89 9.50
C LEU A 561 -12.22 -8.89 10.63
N GLY A 562 -11.29 -7.95 10.72
CA GLY A 562 -11.36 -6.95 11.78
C GLY A 562 -12.61 -6.09 11.68
N ILE A 563 -12.93 -5.64 10.47
CA ILE A 563 -14.12 -4.82 10.30
C ILE A 563 -15.35 -5.58 10.74
N SER A 564 -15.49 -6.84 10.32
CA SER A 564 -16.69 -7.60 10.70
C SER A 564 -16.74 -7.82 12.21
N ILE A 565 -15.64 -8.27 12.81
CA ILE A 565 -15.64 -8.61 14.23
C ILE A 565 -15.91 -7.37 15.07
N PHE A 566 -15.25 -6.25 14.75
CA PHE A 566 -15.46 -5.03 15.50
C PHE A 566 -16.84 -4.43 15.25
N THR A 567 -17.43 -4.66 14.06
CA THR A 567 -18.82 -4.29 13.85
C THR A 567 -19.74 -5.07 14.79
N SER A 568 -19.40 -6.33 15.05
CA SER A 568 -20.24 -7.13 15.94
C SER A 568 -20.27 -6.61 17.37
N PHE A 569 -19.27 -5.83 17.78
CA PHE A 569 -19.19 -5.30 19.14
C PHE A 569 -19.99 -4.02 19.35
N VAL A 570 -20.44 -3.36 18.28
CA VAL A 570 -20.87 -1.97 18.40
C VAL A 570 -21.94 -1.82 19.48
N GLY A 571 -22.88 -2.74 19.56
CA GLY A 571 -23.98 -2.62 20.48
C GLY A 571 -23.72 -3.04 21.91
N ILE A 572 -22.51 -3.46 22.25
CA ILE A 572 -22.27 -4.15 23.52
C ILE A 572 -21.57 -3.25 24.53
N THR A 573 -20.35 -2.83 24.24
CA THR A 573 -19.53 -2.19 25.28
C THR A 573 -18.41 -1.37 24.67
N LYS A 574 -17.79 -0.54 25.52
CA LYS A 574 -16.76 0.39 25.09
C LYS A 574 -15.36 -0.22 25.14
N ALA A 575 -15.06 -0.96 26.22
CA ALA A 575 -13.67 -1.30 26.53
C ALA A 575 -13.18 -2.53 25.79
N ALA A 576 -14.03 -3.55 25.63
CA ALA A 576 -13.58 -4.81 25.05
C ALA A 576 -12.93 -4.67 23.68
N PRO A 577 -13.45 -3.87 22.75
CA PRO A 577 -12.76 -3.71 21.46
C PRO A 577 -11.33 -3.20 21.60
N ILE A 578 -11.12 -2.22 22.49
CA ILE A 578 -9.79 -1.65 22.67
C ILE A 578 -8.86 -2.67 23.32
N LEU A 579 -9.36 -3.40 24.31
CA LEU A 579 -8.54 -4.45 24.92
C LEU A 579 -8.13 -5.49 23.90
N PHE A 580 -9.07 -5.89 23.04
CA PHE A 580 -8.78 -6.88 22.01
C PHE A 580 -7.70 -6.37 21.05
N ALA A 581 -7.85 -5.13 20.59
CA ALA A 581 -6.88 -4.57 19.65
C ALA A 581 -5.50 -4.47 20.30
N SER A 582 -5.45 -4.06 21.56
CA SER A 582 -4.17 -3.94 22.25
C SER A 582 -3.50 -5.29 22.39
N ALA A 583 -4.26 -6.33 22.73
CA ALA A 583 -3.69 -7.68 22.82
C ALA A 583 -3.15 -8.13 21.47
N ALA A 584 -3.89 -7.85 20.39
CA ALA A 584 -3.41 -8.23 19.06
C ALA A 584 -2.09 -7.53 18.74
N LEU A 585 -2.00 -6.23 19.04
CA LEU A 585 -0.75 -5.50 18.79
C LEU A 585 0.39 -6.01 19.66
N ALA A 586 0.09 -6.42 20.89
CA ALA A 586 1.13 -6.98 21.76
C ALA A 586 1.69 -8.27 21.16
N LEU A 587 0.81 -9.14 20.68
CA LEU A 587 1.27 -10.36 20.01
C LEU A 587 2.11 -10.02 18.77
N GLY A 588 1.65 -9.03 18.00
CA GLY A 588 2.41 -8.61 16.83
C GLY A 588 3.82 -8.17 17.19
N SER A 589 3.95 -7.38 18.26
CA SER A 589 5.29 -6.93 18.68
C SER A 589 6.14 -8.11 19.16
N SER A 590 5.52 -9.05 19.89
CA SER A 590 6.27 -10.21 20.36
C SER A 590 6.83 -11.00 19.20
N LEU A 591 6.07 -11.10 18.11
CA LEU A 591 6.59 -11.74 16.90
C LEU A 591 7.64 -10.86 16.22
N ALA A 592 7.41 -9.55 16.16
CA ALA A 592 8.32 -8.66 15.47
C ALA A 592 9.72 -8.71 16.07
N LEU A 593 9.82 -8.97 17.37
CA LEU A 593 11.13 -9.02 18.00
C LEU A 593 12.04 -10.10 17.41
N LYS A 594 11.48 -11.09 16.72
CA LYS A 594 12.24 -12.26 16.28
C LYS A 594 12.74 -12.18 14.84
N LEU A 595 12.35 -11.15 14.08
CA LEU A 595 12.80 -11.04 12.71
C LEU A 595 14.29 -10.66 12.64
N PRO A 596 14.99 -11.05 11.58
CA PRO A 596 16.40 -10.67 11.44
C PRO A 596 16.58 -9.27 10.91
N GLU A 597 17.69 -8.65 11.32
CA GLU A 597 18.03 -7.30 10.88
C GLU A 597 18.60 -7.34 9.47
N THR A 598 18.33 -6.27 8.70
CA THR A 598 18.76 -6.19 7.31
C THR A 598 19.61 -4.96 6.99
N ARG A 599 19.78 -4.04 7.94
CA ARG A 599 20.58 -2.85 7.68
C ARG A 599 22.01 -3.24 7.32
N GLY A 600 22.55 -2.57 6.30
CA GLY A 600 23.92 -2.80 5.88
C GLY A 600 24.11 -4.01 4.98
N GLN A 601 23.11 -4.36 4.19
CA GLN A 601 23.20 -5.48 3.26
C GLN A 601 22.76 -5.04 1.87
N VAL A 602 23.39 -5.63 0.86
CA VAL A 602 22.95 -5.38 -0.51
C VAL A 602 21.55 -5.92 -0.69
N LEU A 603 20.81 -5.34 -1.63
CA LEU A 603 19.47 -5.82 -1.94
C LEU A 603 19.58 -7.23 -2.48
N GLN A 604 19.10 -8.21 -1.70
CA GLN A 604 19.25 -9.61 -2.04
C GLN A 604 18.78 -9.88 -3.47
#